data_2XXB
#
_entry.id   2XXB
#
_cell.length_a   54.990
_cell.length_b   153.470
_cell.length_c   150.610
_cell.angle_alpha   90.00
_cell.angle_beta   90.00
_cell.angle_gamma   90.00
#
_symmetry.space_group_name_H-M   'C 2 2 21'
#
loop_
_entity.id
_entity.type
_entity.pdbx_description
1 polymer 'L-LACTATE DEHYDROGENASE'
2 non-polymer 'ADENOSINE MONOPHOSPHATE'
3 water water
#
_entity_poly.entity_id   1
_entity_poly.type   'polypeptide(L)'
_entity_poly.pdbx_seq_one_letter_code
;MKVGIVGSGMVGSATAYALALLGVAREVVLVDLDRKLAQAHAEDILHATPFAHPVWVWAGSYGDLEGARAVVLAAGVAQR
PGETRLQLLDRNAQVFAQVVPRVLEAAPEAVLLVATNPVDVMTQVAYALSGLPPGRVVGSGTILDTARFRALLAEYLRVA
PQSVHAYVLGEHGDSEVLVWSSAQVGGVPLLEFAEARGRALSPEDRARIDEGVRRAAYRIIEGKGATYYGIGAGLARLVR
AILTDEKGVYTVSAFTPEVAGVLEVSLSLPRILGAGGVAGTVYPSLSPEERAALRRSAEILKEAAFALGF
;
_entity_poly.pdbx_strand_id   A,B
#
# COMPACT_ATOMS: atom_id res chain seq x y z
N MET A 1 -12.18 5.49 -15.92
CA MET A 1 -12.34 4.04 -15.89
C MET A 1 -12.56 3.46 -14.49
N LYS A 2 -13.51 2.53 -14.39
CA LYS A 2 -13.85 1.90 -13.12
C LYS A 2 -13.25 0.50 -13.01
N VAL A 3 -12.81 0.16 -11.80
CA VAL A 3 -12.24 -1.14 -11.54
C VAL A 3 -12.80 -1.67 -10.23
N GLY A 4 -13.17 -2.94 -10.22
CA GLY A 4 -13.73 -3.58 -9.04
C GLY A 4 -12.80 -4.58 -8.37
N ILE A 5 -12.97 -4.76 -7.07
CA ILE A 5 -12.19 -5.73 -6.29
C ILE A 5 -13.10 -6.52 -5.34
N VAL A 6 -13.20 -7.82 -5.51
CA VAL A 6 -14.06 -8.60 -4.63
C VAL A 6 -13.21 -9.38 -3.64
N GLY A 7 -13.49 -9.20 -2.35
CA GLY A 7 -12.59 -9.67 -1.31
C GLY A 7 -11.73 -8.50 -0.88
N SER A 8 -12.15 -7.80 0.15
CA SER A 8 -11.45 -6.62 0.59
C SER A 8 -10.62 -6.92 1.82
N GLY A 9 -9.78 -7.95 1.72
CA GLY A 9 -8.87 -8.31 2.79
C GLY A 9 -7.50 -7.70 2.55
N MET A 10 -6.45 -8.34 3.04
CA MET A 10 -5.12 -7.79 2.80
C MET A 10 -4.84 -7.72 1.30
N VAL A 11 -5.06 -8.82 0.58
CA VAL A 11 -4.72 -8.86 -0.84
C VAL A 11 -5.53 -7.87 -1.67
N GLY A 12 -6.85 -7.87 -1.46
CA GLY A 12 -7.74 -6.98 -2.16
C GLY A 12 -7.52 -5.50 -1.83
N SER A 13 -7.36 -5.18 -0.55
CA SER A 13 -7.14 -3.79 -0.16
C SER A 13 -5.77 -3.33 -0.61
N ALA A 14 -4.80 -4.21 -0.54
CA ALA A 14 -3.44 -3.85 -0.95
C ALA A 14 -3.39 -3.56 -2.44
N THR A 15 -4.24 -4.26 -3.19
CA THR A 15 -4.39 -4.03 -4.61
C THR A 15 -5.05 -2.68 -4.86
N ALA A 16 -6.08 -2.38 -4.09
CA ALA A 16 -6.74 -1.07 -4.18
C ALA A 16 -5.76 0.07 -3.84
N TYR A 17 -4.96 -0.13 -2.79
CA TYR A 17 -3.94 0.84 -2.39
C TYR A 17 -2.96 1.12 -3.55
N ALA A 18 -2.50 0.06 -4.20
CA ALA A 18 -1.51 0.18 -5.26
C ALA A 18 -2.13 0.87 -6.47
N LEU A 19 -3.36 0.50 -6.82
CA LEU A 19 -4.10 1.17 -7.88
C LEU A 19 -4.23 2.68 -7.60
N ALA A 20 -4.57 3.02 -6.37
CA ALA A 20 -4.74 4.42 -5.95
C ALA A 20 -3.44 5.21 -6.05
N LEU A 21 -2.41 4.73 -5.36
CA LEU A 21 -1.13 5.43 -5.36
C LEU A 21 -0.55 5.59 -6.75
N LEU A 22 -0.82 4.64 -7.64
CA LEU A 22 -0.24 4.69 -8.99
C LEU A 22 -1.15 5.40 -9.99
N GLY A 23 -2.34 5.80 -9.53
CA GLY A 23 -3.31 6.44 -10.39
C GLY A 23 -3.67 5.64 -11.61
N VAL A 24 -3.79 4.32 -11.44
CA VAL A 24 -4.12 3.46 -12.58
C VAL A 24 -5.56 3.70 -13.08
N ALA A 25 -6.53 3.62 -12.19
CA ALA A 25 -7.92 3.91 -12.57
C ALA A 25 -8.45 5.12 -11.83
N ARG A 26 -9.52 5.70 -12.35
CA ARG A 26 -10.11 6.90 -11.76
C ARG A 26 -11.11 6.54 -10.65
N GLU A 27 -11.56 5.28 -10.66
CA GLU A 27 -12.49 4.77 -9.66
C GLU A 27 -12.22 3.30 -9.30
N VAL A 28 -12.18 3.02 -8.00
CA VAL A 28 -12.01 1.66 -7.49
C VAL A 28 -13.10 1.31 -6.47
N VAL A 29 -13.89 0.28 -6.77
CA VAL A 29 -14.96 -0.19 -5.86
C VAL A 29 -14.57 -1.51 -5.17
N LEU A 30 -14.58 -1.49 -3.84
CA LEU A 30 -14.29 -2.69 -3.04
C LEU A 30 -15.54 -3.40 -2.58
N VAL A 31 -15.52 -4.73 -2.62
CA VAL A 31 -16.68 -5.51 -2.19
C VAL A 31 -16.25 -6.65 -1.26
N ASP A 32 -16.99 -6.84 -0.18
CA ASP A 32 -16.67 -7.88 0.79
C ASP A 32 -17.92 -8.34 1.57
N LEU A 33 -17.94 -9.60 2.01
CA LEU A 33 -19.05 -10.07 2.85
C LEU A 33 -19.16 -9.23 4.11
N ASP A 34 -18.00 -8.84 4.63
CA ASP A 34 -17.91 -8.00 5.81
C ASP A 34 -17.92 -6.58 5.30
N ARG A 35 -19.11 -5.99 5.25
CA ARG A 35 -19.29 -4.69 4.64
C ARG A 35 -18.47 -3.60 5.32
N LYS A 36 -18.40 -3.65 6.64
CA LYS A 36 -17.66 -2.64 7.38
CA LYS A 36 -17.65 -2.68 7.43
C LYS A 36 -16.15 -2.74 7.18
N LEU A 37 -15.64 -3.95 6.91
CA LEU A 37 -14.24 -4.12 6.59
C LEU A 37 -13.95 -3.38 5.28
N ALA A 38 -14.83 -3.58 4.31
CA ALA A 38 -14.60 -3.01 2.99
C ALA A 38 -14.71 -1.48 3.06
N GLN A 39 -15.72 -0.99 3.77
CA GLN A 39 -15.85 0.46 3.98
C GLN A 39 -14.62 1.02 4.73
N ALA A 40 -14.16 0.34 5.77
CA ALA A 40 -13.02 0.84 6.53
C ALA A 40 -11.81 0.98 5.60
N HIS A 41 -11.62 -0.01 4.74
CA HIS A 41 -10.49 0.00 3.82
C HIS A 41 -10.58 1.09 2.76
N ALA A 42 -11.76 1.23 2.18
CA ALA A 42 -11.99 2.25 1.18
C ALA A 42 -11.64 3.64 1.72
N GLU A 43 -12.13 3.92 2.91
CA GLU A 43 -11.92 5.24 3.48
C GLU A 43 -10.48 5.42 3.96
N ASP A 44 -9.82 4.34 4.38
CA ASP A 44 -8.44 4.44 4.85
C ASP A 44 -7.61 4.90 3.65
N ILE A 45 -7.89 4.30 2.51
CA ILE A 45 -7.15 4.56 1.29
C ILE A 45 -7.55 5.93 0.75
N LEU A 46 -8.84 6.26 0.81
CA LEU A 46 -9.28 7.57 0.40
C LEU A 46 -8.52 8.69 1.14
N HIS A 47 -8.13 8.43 2.37
CA HIS A 47 -7.32 9.36 3.17
C HIS A 47 -5.95 9.56 2.52
N ALA A 48 -5.50 8.55 1.76
CA ALA A 48 -4.22 8.61 1.06
C ALA A 48 -4.26 9.40 -0.24
N THR A 49 -5.42 9.43 -0.89
CA THR A 49 -5.44 9.88 -2.27
C THR A 49 -4.94 11.34 -2.48
N PRO A 50 -5.16 12.24 -1.51
CA PRO A 50 -4.72 13.60 -1.81
C PRO A 50 -3.20 13.67 -1.81
N PHE A 51 -2.53 12.63 -1.33
CA PHE A 51 -1.07 12.60 -1.34
C PHE A 51 -0.54 11.78 -2.52
N ALA A 52 -1.42 11.48 -3.46
CA ALA A 52 -0.99 10.79 -4.67
C ALA A 52 -1.80 11.22 -5.91
N HIS A 53 -2.84 10.47 -6.26
CA HIS A 53 -3.69 10.81 -7.41
C HIS A 53 -5.17 10.83 -7.06
N PRO A 54 -5.94 11.60 -7.83
CA PRO A 54 -7.38 11.70 -7.60
C PRO A 54 -8.03 10.40 -8.04
N VAL A 55 -8.37 9.54 -7.09
CA VAL A 55 -8.95 8.23 -7.41
C VAL A 55 -10.12 8.02 -6.48
N TRP A 56 -11.29 7.71 -7.01
CA TRP A 56 -12.47 7.56 -6.17
C TRP A 56 -12.57 6.12 -5.68
N VAL A 57 -12.21 5.91 -4.42
CA VAL A 57 -12.22 4.61 -3.81
C VAL A 57 -13.41 4.51 -2.89
N TRP A 58 -14.26 3.51 -3.12
CA TRP A 58 -15.40 3.32 -2.25
C TRP A 58 -15.76 1.85 -2.08
N ALA A 59 -16.59 1.57 -1.09
CA ALA A 59 -17.07 0.22 -0.84
C ALA A 59 -18.55 0.12 -1.22
N GLY A 60 -18.90 -0.97 -1.90
CA GLY A 60 -20.29 -1.21 -2.26
C GLY A 60 -20.55 -2.71 -2.42
N SER A 61 -21.66 -3.04 -3.09
CA SER A 61 -22.03 -4.45 -3.29
C SER A 61 -21.76 -4.86 -4.73
N TYR A 62 -22.17 -6.08 -5.10
CA TYR A 62 -21.91 -6.58 -6.45
C TYR A 62 -22.56 -5.69 -7.51
N GLY A 63 -23.77 -5.23 -7.25
CA GLY A 63 -24.47 -4.40 -8.22
C GLY A 63 -23.67 -3.16 -8.51
N ASP A 64 -22.81 -2.79 -7.56
CA ASP A 64 -21.95 -1.62 -7.69
C ASP A 64 -20.68 -1.85 -8.55
N LEU A 65 -20.51 -3.07 -9.05
CA LEU A 65 -19.43 -3.37 -9.99
C LEU A 65 -19.84 -3.00 -11.41
N GLU A 66 -21.06 -2.47 -11.55
CA GLU A 66 -21.59 -2.06 -12.86
C GLU A 66 -20.65 -1.09 -13.60
N GLY A 67 -20.19 -1.49 -14.77
CA GLY A 67 -19.33 -0.62 -15.59
C GLY A 67 -17.85 -0.82 -15.36
N ALA A 68 -17.50 -1.71 -14.43
CA ALA A 68 -16.12 -2.10 -14.19
C ALA A 68 -15.50 -2.79 -15.43
N ARG A 69 -14.28 -2.41 -15.78
CA ARG A 69 -13.58 -2.99 -16.92
CA ARG A 69 -13.59 -3.00 -16.93
C ARG A 69 -12.82 -4.24 -16.51
N ALA A 70 -12.48 -4.31 -15.23
CA ALA A 70 -11.82 -5.48 -14.72
C ALA A 70 -12.20 -5.62 -13.26
N VAL A 71 -12.36 -6.86 -12.82
CA VAL A 71 -12.69 -7.12 -11.44
C VAL A 71 -11.70 -8.11 -10.92
N VAL A 72 -11.00 -7.71 -9.88
CA VAL A 72 -10.05 -8.59 -9.20
C VAL A 72 -10.82 -9.53 -8.27
N LEU A 73 -10.55 -10.83 -8.36
CA LEU A 73 -11.15 -11.78 -7.43
C LEU A 73 -10.14 -12.14 -6.35
N ALA A 74 -10.26 -11.48 -5.21
CA ALA A 74 -9.32 -11.64 -4.12
C ALA A 74 -10.03 -12.17 -2.88
N ALA A 75 -11.18 -12.81 -3.10
CA ALA A 75 -12.03 -13.32 -2.02
C ALA A 75 -11.59 -14.69 -1.61
N GLY A 76 -11.80 -15.03 -0.34
CA GLY A 76 -11.37 -16.32 0.18
C GLY A 76 -11.60 -16.42 1.67
N VAL A 77 -11.60 -17.65 2.18
CA VAL A 77 -11.88 -17.89 3.59
C VAL A 77 -10.58 -18.14 4.36
N ALA A 78 -10.66 -18.07 5.68
CA ALA A 78 -9.48 -18.24 6.54
C ALA A 78 -9.18 -19.70 6.86
N GLN A 79 -7.92 -20.08 6.75
CA GLN A 79 -7.50 -21.46 7.02
C GLN A 79 -7.85 -21.89 8.44
N ARG A 80 -8.46 -23.06 8.56
CA ARG A 80 -8.81 -23.63 9.87
C ARG A 80 -7.64 -24.45 10.43
N PRO A 81 -7.44 -24.39 11.76
CA PRO A 81 -6.42 -25.17 12.47
C PRO A 81 -6.71 -26.65 12.38
N GLY A 82 -5.91 -27.38 11.62
CA GLY A 82 -6.11 -28.81 11.48
C GLY A 82 -6.88 -29.16 10.22
N GLU A 83 -6.89 -28.23 9.28
CA GLU A 83 -7.58 -28.45 8.02
C GLU A 83 -6.58 -28.72 6.90
N THR A 84 -6.94 -29.65 6.01
CA THR A 84 -6.10 -29.95 4.85
C THR A 84 -6.01 -28.75 3.91
N ARG A 85 -5.05 -28.81 3.00
CA ARG A 85 -4.94 -27.83 1.95
C ARG A 85 -6.04 -28.11 0.93
N LEU A 86 -6.47 -29.37 0.90
CA LEU A 86 -7.45 -29.84 -0.07
C LEU A 86 -8.87 -29.42 0.29
N GLN A 87 -9.10 -29.11 1.56
CA GLN A 87 -10.43 -28.67 1.97
C GLN A 87 -10.54 -27.16 2.03
N LEU A 88 -9.41 -26.51 2.32
CA LEU A 88 -9.35 -25.06 2.27
C LEU A 88 -9.73 -24.68 0.86
N LEU A 89 -9.14 -25.42 -0.08
CA LEU A 89 -9.38 -25.22 -1.50
C LEU A 89 -10.86 -25.37 -1.84
N ASP A 90 -11.45 -26.50 -1.45
CA ASP A 90 -12.85 -26.77 -1.72
C ASP A 90 -13.75 -25.61 -1.26
N ARG A 91 -13.57 -25.17 -0.03
CA ARG A 91 -14.30 -24.02 0.50
C ARG A 91 -14.22 -22.78 -0.41
N ASN A 92 -13.02 -22.46 -0.87
CA ASN A 92 -12.82 -21.30 -1.74
C ASN A 92 -13.47 -21.49 -3.10
N ALA A 93 -13.42 -22.70 -3.64
CA ALA A 93 -14.14 -23.00 -4.86
C ALA A 93 -15.62 -22.72 -4.66
N GLN A 94 -16.11 -22.97 -3.45
CA GLN A 94 -17.49 -22.68 -3.08
C GLN A 94 -17.75 -21.18 -3.06
N VAL A 95 -16.82 -20.43 -2.48
CA VAL A 95 -16.90 -18.97 -2.45
C VAL A 95 -17.00 -18.43 -3.88
N PHE A 96 -16.18 -19.01 -4.75
CA PHE A 96 -16.05 -18.56 -6.14
C PHE A 96 -17.29 -18.85 -6.98
N ALA A 97 -17.94 -19.98 -6.71
CA ALA A 97 -19.19 -20.30 -7.40
C ALA A 97 -20.26 -19.29 -7.00
N GLN A 98 -20.10 -18.70 -5.83
CA GLN A 98 -20.99 -17.62 -5.40
C GLN A 98 -20.63 -16.30 -6.06
N VAL A 99 -19.33 -15.99 -6.09
CA VAL A 99 -18.86 -14.68 -6.52
C VAL A 99 -18.97 -14.45 -8.04
N VAL A 100 -18.55 -15.42 -8.83
CA VAL A 100 -18.43 -15.25 -10.28
C VAL A 100 -19.74 -14.86 -11.00
N PRO A 101 -20.81 -15.65 -10.81
CA PRO A 101 -22.11 -15.23 -11.35
C PRO A 101 -22.49 -13.80 -10.94
N ARG A 102 -22.24 -13.46 -9.69
CA ARG A 102 -22.65 -12.14 -9.20
C ARG A 102 -21.81 -11.01 -9.78
N VAL A 103 -20.54 -11.27 -10.03
CA VAL A 103 -19.71 -10.28 -10.72
C VAL A 103 -20.18 -10.06 -12.16
N LEU A 104 -20.34 -11.14 -12.91
CA LEU A 104 -20.58 -11.05 -14.34
C LEU A 104 -21.99 -10.59 -14.69
N GLU A 105 -22.91 -10.78 -13.75
CA GLU A 105 -24.27 -10.29 -13.89
C GLU A 105 -24.36 -8.76 -13.79
N ALA A 106 -23.48 -8.16 -12.99
CA ALA A 106 -23.39 -6.70 -12.85
C ALA A 106 -22.47 -6.06 -13.90
N ALA A 107 -21.42 -6.81 -14.25
CA ALA A 107 -20.39 -6.29 -15.13
C ALA A 107 -20.03 -7.34 -16.18
N PRO A 108 -20.91 -7.50 -17.19
CA PRO A 108 -20.81 -8.60 -18.16
C PRO A 108 -19.63 -8.47 -19.11
N GLU A 109 -19.01 -7.29 -19.19
CA GLU A 109 -17.87 -7.07 -20.10
C GLU A 109 -16.53 -7.01 -19.37
N ALA A 110 -16.52 -7.30 -18.07
CA ALA A 110 -15.28 -7.18 -17.29
C ALA A 110 -14.32 -8.33 -17.60
N VAL A 111 -13.03 -8.05 -17.52
CA VAL A 111 -12.04 -9.11 -17.52
C VAL A 111 -11.91 -9.57 -16.07
N LEU A 112 -11.81 -10.86 -15.84
CA LEU A 112 -11.67 -11.35 -14.48
C LEU A 112 -10.20 -11.59 -14.15
N LEU A 113 -9.75 -11.02 -13.03
CA LEU A 113 -8.36 -11.16 -12.64
C LEU A 113 -8.28 -11.93 -11.32
N VAL A 114 -7.78 -13.17 -11.37
CA VAL A 114 -7.77 -14.01 -10.17
C VAL A 114 -6.49 -13.82 -9.37
N ALA A 115 -6.66 -13.67 -8.05
CA ALA A 115 -5.58 -13.42 -7.10
C ALA A 115 -5.49 -14.51 -6.04
N THR A 116 -6.65 -14.98 -5.61
CA THR A 116 -6.78 -15.89 -4.48
C THR A 116 -5.94 -17.16 -4.67
N ASN A 117 -5.17 -17.54 -3.65
CA ASN A 117 -4.31 -18.72 -3.68
C ASN A 117 -5.07 -20.03 -3.45
N PRO A 118 -4.65 -21.12 -4.10
CA PRO A 118 -3.60 -21.22 -5.14
C PRO A 118 -4.11 -20.64 -6.46
N VAL A 119 -3.39 -19.68 -7.03
CA VAL A 119 -3.88 -18.93 -8.18
C VAL A 119 -4.30 -19.79 -9.39
N ASP A 120 -3.52 -20.81 -9.74
CA ASP A 120 -3.84 -21.62 -10.93
C ASP A 120 -5.12 -22.44 -10.76
N VAL A 121 -5.26 -23.16 -9.64
CA VAL A 121 -6.53 -23.83 -9.38
C VAL A 121 -7.69 -22.84 -9.34
N MET A 122 -7.52 -21.75 -8.60
CA MET A 122 -8.59 -20.76 -8.51
C MET A 122 -8.88 -20.11 -9.87
N THR A 123 -7.87 -20.03 -10.74
CA THR A 123 -8.06 -19.48 -12.08
C THR A 123 -8.90 -20.40 -12.95
N GLN A 124 -8.68 -21.70 -12.81
CA GLN A 124 -9.49 -22.70 -13.50
C GLN A 124 -10.95 -22.67 -13.06
N VAL A 125 -11.17 -22.70 -11.74
CA VAL A 125 -12.51 -22.65 -11.16
C VAL A 125 -13.26 -21.47 -11.76
N ALA A 126 -12.64 -20.29 -11.70
CA ALA A 126 -13.20 -19.07 -12.22
C ALA A 126 -13.49 -19.13 -13.72
N TYR A 127 -12.60 -19.73 -14.50
CA TYR A 127 -12.84 -19.92 -15.93
C TYR A 127 -14.06 -20.82 -16.21
N ALA A 128 -14.10 -21.97 -15.55
CA ALA A 128 -15.23 -22.89 -15.69
C ALA A 128 -16.54 -22.17 -15.36
N LEU A 129 -16.54 -21.44 -14.24
CA LEU A 129 -17.75 -20.82 -13.73
C LEU A 129 -18.23 -19.63 -14.56
N SER A 130 -17.33 -18.98 -15.27
CA SER A 130 -17.67 -17.76 -16.01
C SER A 130 -18.45 -18.07 -17.29
N GLY A 131 -18.02 -19.10 -18.01
CA GLY A 131 -18.58 -19.43 -19.30
C GLY A 131 -18.13 -18.45 -20.36
N LEU A 132 -17.19 -17.59 -20.00
CA LEU A 132 -16.61 -16.63 -20.92
C LEU A 132 -15.50 -17.30 -21.75
N PRO A 133 -15.13 -16.67 -22.88
CA PRO A 133 -13.92 -17.06 -23.61
C PRO A 133 -12.72 -17.22 -22.66
N PRO A 134 -11.76 -18.09 -22.99
CA PRO A 134 -10.61 -18.40 -22.12
C PRO A 134 -9.74 -17.18 -21.81
N GLY A 135 -9.65 -16.24 -22.75
CA GLY A 135 -8.82 -15.06 -22.59
C GLY A 135 -9.33 -14.01 -21.60
N ARG A 136 -10.58 -14.17 -21.14
CA ARG A 136 -11.24 -13.21 -20.28
C ARG A 136 -10.95 -13.48 -18.80
N VAL A 137 -10.46 -14.66 -18.49
CA VAL A 137 -10.16 -15.02 -17.11
C VAL A 137 -8.66 -15.22 -16.90
N VAL A 138 -8.03 -14.21 -16.30
CA VAL A 138 -6.58 -14.15 -16.14
C VAL A 138 -6.18 -14.25 -14.68
N GLY A 139 -5.17 -15.04 -14.37
CA GLY A 139 -4.67 -15.15 -13.01
C GLY A 139 -3.30 -14.47 -12.90
N SER A 140 -3.03 -13.87 -11.75
CA SER A 140 -1.73 -13.22 -11.55
C SER A 140 -0.60 -14.20 -11.76
N GLY A 141 -0.79 -15.45 -11.34
CA GLY A 141 0.21 -16.47 -11.60
C GLY A 141 1.61 -16.12 -11.12
N THR A 142 2.58 -16.27 -12.00
CA THR A 142 3.98 -16.17 -11.62
C THR A 142 4.62 -14.80 -11.92
N ILE A 143 3.83 -13.74 -12.10
CA ILE A 143 4.42 -12.45 -12.46
C ILE A 143 5.50 -11.96 -11.49
N LEU A 144 5.23 -12.06 -10.19
CA LEU A 144 6.19 -11.64 -9.17
C LEU A 144 7.49 -12.42 -9.26
N ASP A 145 7.38 -13.71 -9.55
CA ASP A 145 8.56 -14.56 -9.58
C ASP A 145 9.36 -14.29 -10.85
N THR A 146 8.66 -14.10 -11.95
CA THR A 146 9.32 -13.68 -13.18
C THR A 146 10.11 -12.38 -12.96
N ALA A 147 9.52 -11.42 -12.24
CA ALA A 147 10.23 -10.16 -11.94
C ALA A 147 11.38 -10.33 -10.93
N ARG A 148 11.18 -11.17 -9.93
CA ARG A 148 12.26 -11.54 -9.01
C ARG A 148 13.45 -12.18 -9.75
N PHE A 149 13.15 -13.16 -10.59
CA PHE A 149 14.12 -13.84 -11.45
C PHE A 149 14.95 -12.80 -12.22
N ARG A 150 14.28 -11.98 -13.03
CA ARG A 150 14.93 -10.91 -13.76
C ARG A 150 15.74 -9.98 -12.87
N ALA A 151 15.21 -9.65 -11.69
CA ALA A 151 15.93 -8.74 -10.79
C ALA A 151 17.26 -9.35 -10.30
N LEU A 152 17.20 -10.61 -9.94
CA LEU A 152 18.40 -11.29 -9.46
C LEU A 152 19.46 -11.47 -10.55
N LEU A 153 19.03 -11.83 -11.76
CA LEU A 153 19.93 -11.96 -12.90
C LEU A 153 20.54 -10.59 -13.20
N ALA A 154 19.71 -9.55 -13.16
CA ALA A 154 20.17 -8.20 -13.44
C ALA A 154 21.20 -7.77 -12.40
N GLU A 155 20.96 -8.17 -11.16
CA GLU A 155 21.84 -7.88 -10.03
C GLU A 155 23.21 -8.50 -10.30
N TYR A 156 23.20 -9.82 -10.48
CA TYR A 156 24.39 -10.59 -10.86
C TYR A 156 25.11 -10.04 -12.08
N LEU A 157 24.38 -9.62 -13.10
CA LEU A 157 25.01 -9.17 -14.33
C LEU A 157 25.39 -7.68 -14.34
N ARG A 158 25.15 -7.00 -13.22
CA ARG A 158 25.32 -5.55 -13.18
C ARG A 158 24.69 -4.89 -14.41
N VAL A 159 23.41 -5.17 -14.64
CA VAL A 159 22.68 -4.57 -15.75
C VAL A 159 21.28 -4.17 -15.25
N ALA A 160 20.59 -3.36 -16.04
CA ALA A 160 19.22 -2.96 -15.73
C ALA A 160 18.29 -4.16 -15.88
N PRO A 161 17.39 -4.37 -14.92
CA PRO A 161 16.43 -5.46 -14.99
C PRO A 161 15.60 -5.42 -16.28
N GLN A 162 15.44 -4.22 -16.81
CA GLN A 162 14.63 -4.02 -17.99
C GLN A 162 15.22 -4.70 -19.23
N SER A 163 16.53 -4.97 -19.20
CA SER A 163 17.19 -5.63 -20.33
CA SER A 163 17.19 -5.62 -20.34
C SER A 163 17.27 -7.14 -20.15
N VAL A 164 16.81 -7.62 -19.02
CA VAL A 164 16.83 -9.05 -18.73
C VAL A 164 15.47 -9.65 -19.08
N HIS A 165 15.45 -10.52 -20.09
CA HIS A 165 14.25 -11.28 -20.43
C HIS A 165 14.39 -12.72 -19.96
N ALA A 166 13.71 -13.05 -18.87
CA ALA A 166 13.71 -14.40 -18.37
C ALA A 166 12.32 -14.70 -17.86
N TYR A 167 11.96 -15.98 -17.87
CA TYR A 167 10.61 -16.37 -17.50
C TYR A 167 10.57 -17.37 -16.34
N VAL A 168 9.51 -17.27 -15.56
CA VAL A 168 9.15 -18.32 -14.62
C VAL A 168 7.78 -18.82 -15.08
N LEU A 169 7.70 -20.10 -15.43
CA LEU A 169 6.49 -20.62 -16.04
C LEU A 169 5.82 -21.66 -15.14
N GLY A 170 4.58 -22.00 -15.47
CA GLY A 170 3.92 -23.13 -14.82
C GLY A 170 3.10 -22.80 -13.59
N GLU A 171 3.29 -23.60 -12.56
CA GLU A 171 2.52 -23.49 -11.34
C GLU A 171 3.19 -22.52 -10.40
N HIS A 172 2.44 -21.51 -9.97
CA HIS A 172 2.88 -20.53 -8.98
C HIS A 172 3.06 -21.22 -7.63
N GLY A 173 4.31 -21.54 -7.32
CA GLY A 173 4.62 -22.30 -6.13
C GLY A 173 5.95 -23.01 -6.32
N ASP A 174 6.15 -24.08 -5.57
CA ASP A 174 7.45 -24.70 -5.46
C ASP A 174 7.85 -25.53 -6.68
N SER A 175 6.91 -25.76 -7.59
CA SER A 175 7.23 -26.53 -8.79
C SER A 175 7.34 -25.64 -10.04
N GLU A 176 7.19 -24.33 -9.87
CA GLU A 176 7.35 -23.40 -10.98
C GLU A 176 8.68 -23.63 -11.69
N VAL A 177 8.73 -23.30 -12.97
CA VAL A 177 9.92 -23.53 -13.78
C VAL A 177 10.63 -22.25 -14.16
N LEU A 178 11.86 -22.11 -13.68
CA LEU A 178 12.73 -21.03 -14.12
C LEU A 178 13.34 -21.41 -15.47
N VAL A 179 13.07 -20.62 -16.51
CA VAL A 179 13.54 -21.01 -17.83
C VAL A 179 14.94 -20.46 -18.08
N TRP A 180 15.95 -21.16 -17.56
CA TRP A 180 17.33 -20.77 -17.79
C TRP A 180 17.73 -20.89 -19.25
N SER A 181 17.41 -22.03 -19.86
CA SER A 181 17.89 -22.36 -21.21
C SER A 181 17.87 -21.21 -22.23
N SER A 182 16.75 -20.49 -22.30
CA SER A 182 16.52 -19.56 -23.40
C SER A 182 16.39 -18.09 -22.97
N ALA A 183 16.65 -17.80 -21.71
CA ALA A 183 16.65 -16.42 -21.23
C ALA A 183 17.67 -15.63 -22.03
N GLN A 184 17.36 -14.36 -22.24
CA GLN A 184 18.25 -13.46 -22.96
C GLN A 184 18.50 -12.24 -22.11
N VAL A 185 19.59 -11.55 -22.43
CA VAL A 185 19.90 -10.28 -21.80
C VAL A 185 20.44 -9.39 -22.90
N GLY A 186 19.84 -8.21 -23.06
CA GLY A 186 20.13 -7.33 -24.17
C GLY A 186 20.02 -8.02 -25.53
N GLY A 187 19.02 -8.87 -25.70
CA GLY A 187 18.81 -9.59 -26.95
C GLY A 187 19.77 -10.73 -27.28
N VAL A 188 20.67 -11.06 -26.35
CA VAL A 188 21.60 -12.16 -26.54
C VAL A 188 21.48 -13.21 -25.41
N PRO A 189 21.80 -14.47 -25.72
CA PRO A 189 21.58 -15.56 -24.76
C PRO A 189 22.25 -15.26 -23.43
N LEU A 190 21.60 -15.67 -22.34
CA LEU A 190 22.08 -15.39 -20.99
C LEU A 190 23.58 -15.65 -20.80
N LEU A 191 24.01 -16.86 -21.16
CA LEU A 191 25.36 -17.31 -20.84
C LEU A 191 26.43 -16.58 -21.64
N GLU A 192 26.10 -16.22 -22.88
CA GLU A 192 27.01 -15.44 -23.71
C GLU A 192 27.16 -14.04 -23.16
N PHE A 193 26.06 -13.47 -22.69
CA PHE A 193 26.12 -12.16 -22.06
C PHE A 193 26.88 -12.26 -20.75
N ALA A 194 26.64 -13.33 -19.99
CA ALA A 194 27.29 -13.54 -18.71
C ALA A 194 28.81 -13.58 -18.85
N GLU A 195 29.30 -14.30 -19.86
CA GLU A 195 30.74 -14.48 -20.04
C GLU A 195 31.43 -13.24 -20.64
N ALA A 196 30.77 -12.59 -21.59
CA ALA A 196 31.21 -11.28 -22.05
C ALA A 196 30.83 -10.25 -20.98
N ARG A 197 31.37 -10.45 -19.79
CA ARG A 197 31.02 -9.63 -18.64
C ARG A 197 31.87 -10.10 -17.45
N GLY A 198 32.48 -11.26 -17.62
CA GLY A 198 33.27 -11.88 -16.56
C GLY A 198 32.42 -12.43 -15.43
N ARG A 199 31.60 -13.44 -15.73
CA ARG A 199 30.67 -13.97 -14.76
C ARG A 199 30.00 -15.26 -15.23
N ALA A 200 30.82 -16.24 -15.62
CA ALA A 200 30.29 -17.51 -16.12
C ALA A 200 28.84 -17.80 -15.73
N LEU A 201 28.61 -17.93 -14.43
CA LEU A 201 27.33 -18.38 -13.86
C LEU A 201 27.43 -19.84 -13.46
N SER A 202 28.09 -20.09 -12.33
CA SER A 202 28.26 -21.42 -11.76
C SER A 202 26.92 -22.05 -11.36
N PRO A 203 26.86 -23.39 -11.35
CA PRO A 203 25.71 -24.08 -10.79
C PRO A 203 25.33 -23.57 -9.40
N GLU A 204 26.30 -23.04 -8.65
CA GLU A 204 26.06 -22.51 -7.32
C GLU A 204 25.40 -21.13 -7.39
N ASP A 205 25.67 -20.40 -8.47
CA ASP A 205 25.02 -19.11 -8.72
C ASP A 205 23.54 -19.33 -9.03
N ARG A 206 23.28 -20.36 -9.84
CA ARG A 206 21.94 -20.71 -10.26
C ARG A 206 21.11 -21.23 -9.10
N ALA A 207 21.75 -21.98 -8.21
CA ALA A 207 21.04 -22.46 -7.02
C ALA A 207 20.63 -21.31 -6.09
N ARG A 208 21.51 -20.32 -5.95
CA ARG A 208 21.24 -19.15 -5.12
C ARG A 208 20.07 -18.33 -5.68
N ILE A 209 20.08 -18.12 -7.00
CA ILE A 209 19.01 -17.41 -7.67
C ILE A 209 17.69 -18.17 -7.60
N ASP A 210 17.75 -19.50 -7.75
CA ASP A 210 16.52 -20.30 -7.74
C ASP A 210 15.86 -20.28 -6.36
N GLU A 211 16.67 -20.33 -5.30
CA GLU A 211 16.18 -20.18 -3.95
C GLU A 211 15.60 -18.77 -3.75
N GLY A 212 16.31 -17.79 -4.25
CA GLY A 212 15.89 -16.40 -4.11
C GLY A 212 14.50 -16.18 -4.67
N VAL A 213 14.20 -16.88 -5.75
CA VAL A 213 12.94 -16.73 -6.42
C VAL A 213 11.92 -17.67 -5.78
N ARG A 214 12.29 -18.94 -5.68
CA ARG A 214 11.36 -20.01 -5.35
C ARG A 214 10.79 -19.86 -3.96
N ARG A 215 11.61 -19.43 -3.02
CA ARG A 215 11.20 -19.46 -1.61
C ARG A 215 10.80 -18.10 -1.02
N ALA A 216 10.77 -17.06 -1.85
CA ALA A 216 10.40 -15.73 -1.37
C ALA A 216 9.04 -15.78 -0.70
N ALA A 217 8.02 -16.25 -1.43
CA ALA A 217 6.67 -16.36 -0.87
C ALA A 217 6.70 -17.06 0.49
N TYR A 218 7.37 -18.19 0.56
CA TYR A 218 7.45 -18.94 1.82
C TYR A 218 8.09 -18.14 2.96
N ARG A 219 9.19 -17.45 2.68
CA ARG A 219 9.85 -16.67 3.71
C ARG A 219 8.94 -15.56 4.18
N ILE A 220 8.24 -14.93 3.24
CA ILE A 220 7.33 -13.82 3.57
C ILE A 220 6.23 -14.35 4.50
N ILE A 221 5.62 -15.45 4.09
CA ILE A 221 4.53 -16.04 4.85
C ILE A 221 5.03 -16.42 6.24
N GLU A 222 6.24 -16.96 6.30
CA GLU A 222 6.85 -17.38 7.55
C GLU A 222 7.02 -16.22 8.52
N GLY A 223 7.30 -15.03 7.98
CA GLY A 223 7.58 -13.85 8.78
C GLY A 223 6.42 -12.93 9.18
N LYS A 224 5.39 -12.84 8.34
CA LYS A 224 4.23 -12.01 8.66
C LYS A 224 2.90 -12.75 8.44
N GLY A 225 2.96 -14.02 8.07
CA GLY A 225 1.76 -14.81 7.89
C GLY A 225 1.03 -14.77 6.53
N ALA A 226 1.41 -13.86 5.62
CA ALA A 226 0.74 -13.76 4.30
C ALA A 226 1.39 -12.73 3.39
N THR A 227 1.25 -12.93 2.09
CA THR A 227 1.83 -11.98 1.14
C THR A 227 0.75 -11.06 0.57
N TYR A 228 1.07 -9.78 0.41
CA TYR A 228 0.08 -8.93 -0.23
C TYR A 228 0.63 -7.68 -0.91
N TYR A 229 1.68 -7.09 -0.36
CA TYR A 229 2.25 -5.91 -1.01
C TYR A 229 2.69 -6.20 -2.44
N GLY A 230 3.43 -7.29 -2.63
CA GLY A 230 3.89 -7.68 -3.95
C GLY A 230 2.76 -7.88 -4.94
N ILE A 231 1.85 -8.80 -4.65
CA ILE A 231 0.73 -9.07 -5.56
C ILE A 231 -0.15 -7.85 -5.79
N GLY A 232 -0.34 -7.04 -4.75
CA GLY A 232 -1.09 -5.81 -4.91
C GLY A 232 -0.57 -5.04 -6.10
N ALA A 233 0.74 -4.85 -6.14
CA ALA A 233 1.36 -4.02 -7.14
C ALA A 233 1.39 -4.76 -8.49
N GLY A 234 1.64 -6.06 -8.45
CA GLY A 234 1.57 -6.88 -9.64
C GLY A 234 0.18 -6.81 -10.28
N LEU A 235 -0.86 -6.97 -9.46
CA LEU A 235 -2.23 -6.86 -9.98
C LEU A 235 -2.50 -5.48 -10.58
N ALA A 236 -2.11 -4.42 -9.88
CA ALA A 236 -2.23 -3.07 -10.40
C ALA A 236 -1.63 -2.95 -11.79
N ARG A 237 -0.49 -3.60 -11.99
CA ARG A 237 0.21 -3.53 -13.26
C ARG A 237 -0.63 -4.26 -14.31
N LEU A 238 -1.21 -5.39 -13.94
CA LEU A 238 -2.05 -6.12 -14.88
C LEU A 238 -3.30 -5.34 -15.25
N VAL A 239 -3.92 -4.71 -14.25
CA VAL A 239 -5.07 -3.83 -14.49
C VAL A 239 -4.70 -2.71 -15.46
N ARG A 240 -3.52 -2.12 -15.26
CA ARG A 240 -3.03 -1.09 -16.16
C ARG A 240 -2.95 -1.61 -17.60
N ALA A 241 -2.32 -2.78 -17.80
CA ALA A 241 -2.22 -3.37 -19.13
C ALA A 241 -3.60 -3.50 -19.77
N ILE A 242 -4.57 -3.99 -19.01
CA ILE A 242 -5.93 -4.13 -19.50
C ILE A 242 -6.54 -2.79 -19.89
N LEU A 243 -6.51 -1.82 -18.99
CA LEU A 243 -7.20 -0.52 -19.21
C LEU A 243 -6.61 0.30 -20.36
N THR A 244 -5.32 0.13 -20.62
CA THR A 244 -4.66 0.88 -21.67
C THR A 244 -4.50 0.05 -22.95
N ASP A 245 -5.12 -1.13 -22.99
CA ASP A 245 -4.98 -2.06 -24.12
C ASP A 245 -3.52 -2.10 -24.56
N GLU A 246 -2.68 -2.55 -23.65
CA GLU A 246 -1.24 -2.43 -23.80
C GLU A 246 -0.66 -3.52 -24.71
N LYS A 247 -1.26 -4.70 -24.64
CA LYS A 247 -0.73 -5.84 -25.37
C LYS A 247 0.69 -6.14 -24.95
N GLY A 248 0.97 -5.97 -23.66
CA GLY A 248 2.28 -6.31 -23.12
C GLY A 248 2.33 -7.78 -22.71
N VAL A 249 3.55 -8.32 -22.64
CA VAL A 249 3.75 -9.74 -22.37
C VAL A 249 3.96 -10.01 -20.89
N TYR A 250 3.14 -10.91 -20.33
CA TYR A 250 3.18 -11.22 -18.90
C TYR A 250 3.02 -12.70 -18.62
N THR A 251 3.82 -13.23 -17.71
CA THR A 251 3.64 -14.62 -17.31
C THR A 251 2.45 -14.75 -16.36
N VAL A 252 1.24 -14.80 -16.93
CA VAL A 252 0.02 -14.91 -16.13
C VAL A 252 -0.66 -16.24 -16.34
N SER A 253 -1.50 -16.65 -15.39
CA SER A 253 -2.19 -17.94 -15.48
C SER A 253 -3.49 -17.82 -16.26
N ALA A 254 -3.73 -18.76 -17.17
CA ALA A 254 -4.97 -18.82 -17.95
C ALA A 254 -5.23 -20.23 -18.41
N PHE A 255 -6.49 -20.52 -18.74
CA PHE A 255 -6.87 -21.79 -19.34
C PHE A 255 -6.17 -22.00 -20.68
N THR A 256 -5.41 -23.09 -20.78
CA THR A 256 -4.65 -23.40 -21.98
C THR A 256 -5.18 -24.65 -22.66
N PRO A 257 -5.32 -24.61 -24.00
CA PRO A 257 -5.72 -25.83 -24.72
C PRO A 257 -4.77 -26.98 -24.40
N GLU A 258 -3.47 -26.74 -24.60
CA GLU A 258 -2.42 -27.73 -24.35
C GLU A 258 -1.12 -27.05 -23.97
N VAL A 259 -0.32 -27.74 -23.17
CA VAL A 259 1.01 -27.30 -22.78
C VAL A 259 1.90 -28.47 -22.32
N ALA A 260 3.03 -28.64 -22.99
CA ALA A 260 3.98 -29.72 -22.72
C ALA A 260 3.34 -31.11 -22.69
N GLY A 261 2.25 -31.29 -23.43
CA GLY A 261 1.62 -32.58 -23.51
C GLY A 261 0.35 -32.72 -22.68
N VAL A 262 0.05 -31.72 -21.85
CA VAL A 262 -1.17 -31.77 -21.04
C VAL A 262 -2.28 -30.87 -21.58
N LEU A 263 -3.50 -31.38 -21.57
CA LEU A 263 -4.62 -30.69 -22.20
C LEU A 263 -5.52 -29.99 -21.17
N GLU A 264 -5.99 -28.80 -21.53
CA GLU A 264 -6.99 -28.09 -20.77
C GLU A 264 -6.59 -27.81 -19.32
N VAL A 265 -5.57 -26.99 -19.13
CA VAL A 265 -5.12 -26.62 -17.78
C VAL A 265 -4.63 -25.18 -17.66
N SER A 266 -4.86 -24.60 -16.48
CA SER A 266 -4.47 -23.22 -16.20
C SER A 266 -3.12 -23.16 -15.49
N LEU A 267 -2.17 -22.47 -16.12
CA LEU A 267 -0.83 -22.26 -15.56
C LEU A 267 -0.19 -21.07 -16.25
N SER A 268 0.95 -20.62 -15.75
CA SER A 268 1.57 -19.41 -16.26
C SER A 268 2.43 -19.66 -17.50
N LEU A 269 2.20 -18.82 -18.50
CA LEU A 269 2.97 -18.83 -19.74
C LEU A 269 2.94 -17.39 -20.20
N PRO A 270 3.98 -16.94 -20.92
CA PRO A 270 3.99 -15.53 -21.26
C PRO A 270 2.85 -15.25 -22.25
N ARG A 271 2.00 -14.29 -21.93
CA ARG A 271 0.80 -14.04 -22.72
C ARG A 271 0.64 -12.56 -23.02
N ILE A 272 0.04 -12.25 -24.17
CA ILE A 272 -0.21 -10.86 -24.55
C ILE A 272 -1.44 -10.37 -23.80
N LEU A 273 -1.27 -9.35 -22.97
CA LEU A 273 -2.39 -8.82 -22.16
C LEU A 273 -2.92 -7.45 -22.62
N GLY A 274 -4.22 -7.38 -22.88
CA GLY A 274 -4.83 -6.13 -23.30
C GLY A 274 -6.32 -5.99 -22.98
N ALA A 275 -6.99 -5.12 -23.73
CA ALA A 275 -8.39 -4.75 -23.51
C ALA A 275 -9.33 -5.89 -23.16
N GLY A 276 -9.27 -6.98 -23.92
CA GLY A 276 -10.19 -8.09 -23.69
C GLY A 276 -9.59 -9.20 -22.86
N GLY A 277 -8.49 -8.89 -22.17
CA GLY A 277 -7.77 -9.90 -21.43
C GLY A 277 -6.59 -10.38 -22.26
N VAL A 278 -6.32 -11.69 -22.18
CA VAL A 278 -5.18 -12.22 -22.91
C VAL A 278 -5.53 -12.72 -24.31
N ALA A 279 -4.95 -12.08 -25.32
CA ALA A 279 -5.17 -12.47 -26.71
C ALA A 279 -3.87 -12.95 -27.33
N GLY A 280 -3.46 -14.18 -27.01
CA GLY A 280 -2.27 -14.73 -27.60
C GLY A 280 -1.21 -15.14 -26.57
N THR A 281 -0.47 -16.17 -26.92
CA THR A 281 0.47 -16.80 -26.01
C THR A 281 1.82 -17.00 -26.65
N VAL A 282 2.89 -16.62 -25.96
CA VAL A 282 4.25 -16.91 -26.44
C VAL A 282 4.69 -18.30 -25.97
N TYR A 283 5.42 -19.02 -26.81
CA TYR A 283 5.91 -20.35 -26.42
C TYR A 283 7.43 -20.39 -26.45
N PRO A 284 8.06 -19.97 -25.34
CA PRO A 284 9.53 -19.91 -25.26
C PRO A 284 10.15 -21.30 -25.42
N SER A 285 11.38 -21.34 -25.91
CA SER A 285 12.13 -22.58 -26.06
C SER A 285 12.49 -23.19 -24.69
N LEU A 286 12.34 -24.50 -24.56
CA LEU A 286 12.56 -25.19 -23.29
C LEU A 286 13.57 -26.30 -23.47
N SER A 287 14.44 -26.50 -22.50
CA SER A 287 15.29 -27.68 -22.44
C SER A 287 14.44 -28.90 -22.15
N PRO A 288 14.94 -30.09 -22.50
CA PRO A 288 14.22 -31.31 -22.11
C PRO A 288 13.93 -31.35 -20.61
N GLU A 289 14.89 -30.91 -19.79
CA GLU A 289 14.69 -30.95 -18.34
C GLU A 289 13.65 -29.90 -17.94
N GLU A 290 13.66 -28.77 -18.63
CA GLU A 290 12.64 -27.75 -18.37
C GLU A 290 11.24 -28.18 -18.78
N ARG A 291 11.06 -28.82 -19.94
CA ARG A 291 9.69 -29.15 -20.33
C ARG A 291 9.15 -30.32 -19.52
N ALA A 292 10.05 -31.17 -19.01
CA ALA A 292 9.63 -32.28 -18.14
C ALA A 292 9.06 -31.75 -16.84
N ALA A 293 9.66 -30.69 -16.31
CA ALA A 293 9.13 -30.05 -15.10
C ALA A 293 7.82 -29.33 -15.38
N LEU A 294 7.70 -28.77 -16.59
CA LEU A 294 6.47 -28.06 -16.94
C LEU A 294 5.28 -29.00 -17.02
N ARG A 295 5.45 -30.15 -17.66
CA ARG A 295 4.39 -31.13 -17.77
C ARG A 295 4.06 -31.72 -16.40
N ARG A 296 5.09 -32.08 -15.64
CA ARG A 296 4.90 -32.60 -14.29
C ARG A 296 4.13 -31.57 -13.46
N SER A 297 4.43 -30.30 -13.69
CA SER A 297 3.71 -29.21 -13.06
C SER A 297 2.28 -29.23 -13.58
N ALA A 298 2.11 -29.43 -14.88
CA ALA A 298 0.80 -29.38 -15.51
C ALA A 298 -0.05 -30.57 -15.04
N GLU A 299 0.60 -31.72 -14.92
CA GLU A 299 0.01 -32.93 -14.34
C GLU A 299 -0.66 -32.66 -13.00
N ILE A 300 0.13 -32.25 -12.01
CA ILE A 300 -0.37 -31.93 -10.67
C ILE A 300 -1.63 -31.07 -10.71
N LEU A 301 -1.55 -29.95 -11.41
CA LEU A 301 -2.66 -29.00 -11.47
C LEU A 301 -3.91 -29.64 -12.05
N LYS A 302 -3.81 -30.12 -13.30
CA LYS A 302 -5.00 -30.55 -14.03
C LYS A 302 -5.78 -31.65 -13.33
N GLU A 303 -5.12 -32.35 -12.42
CA GLU A 303 -5.80 -33.40 -11.66
C GLU A 303 -6.46 -32.81 -10.41
N ALA A 304 -5.83 -31.78 -9.85
CA ALA A 304 -6.41 -31.05 -8.74
C ALA A 304 -7.74 -30.45 -9.19
N ALA A 305 -7.77 -30.05 -10.46
CA ALA A 305 -8.98 -29.48 -11.06
C ALA A 305 -10.14 -30.48 -11.10
N PHE A 306 -10.02 -31.47 -11.97
CA PHE A 306 -11.03 -32.51 -12.10
C PHE A 306 -11.50 -32.96 -10.72
N ALA A 307 -10.57 -33.15 -9.80
CA ALA A 307 -10.86 -33.69 -8.47
C ALA A 307 -11.55 -32.68 -7.56
N LEU A 308 -12.14 -31.67 -8.17
CA LEU A 308 -12.79 -30.60 -7.44
C LEU A 308 -14.03 -30.23 -8.24
N GLY A 309 -14.14 -30.86 -9.42
CA GLY A 309 -15.30 -30.71 -10.28
C GLY A 309 -15.10 -29.67 -11.36
N PHE A 310 -13.90 -29.11 -11.43
CA PHE A 310 -13.62 -28.04 -12.38
C PHE A 310 -12.42 -28.36 -13.27
N MET B 1 19.13 8.81 -1.78
CA MET B 1 18.84 9.13 -0.40
C MET B 1 18.22 7.95 0.32
N LYS B 2 18.61 7.76 1.58
CA LYS B 2 18.12 6.67 2.43
C LYS B 2 17.07 7.13 3.47
N VAL B 3 15.95 6.44 3.52
CA VAL B 3 14.92 6.67 4.54
C VAL B 3 14.86 5.50 5.53
N GLY B 4 14.84 5.78 6.81
CA GLY B 4 14.71 4.72 7.77
C GLY B 4 13.29 4.60 8.32
N ILE B 5 12.87 3.37 8.63
CA ILE B 5 11.58 3.19 9.30
C ILE B 5 11.72 2.27 10.49
N VAL B 6 11.44 2.80 11.68
CA VAL B 6 11.53 2.03 12.91
C VAL B 6 10.13 1.77 13.42
N GLY B 7 9.77 0.50 13.51
CA GLY B 7 8.40 0.11 13.71
C GLY B 7 7.86 -0.34 12.37
N SER B 8 7.96 -1.64 12.12
CA SER B 8 7.56 -2.22 10.83
C SER B 8 6.25 -3.02 10.88
N GLY B 9 5.25 -2.53 11.59
CA GLY B 9 3.93 -3.13 11.53
C GLY B 9 3.13 -2.59 10.37
N MET B 10 1.82 -2.42 10.56
CA MET B 10 0.95 -1.97 9.48
C MET B 10 1.24 -0.52 9.12
N VAL B 11 1.52 0.32 10.11
CA VAL B 11 1.81 1.72 9.82
C VAL B 11 3.18 1.91 9.15
N GLY B 12 4.22 1.34 9.76
CA GLY B 12 5.57 1.37 9.20
C GLY B 12 5.68 0.72 7.83
N SER B 13 5.08 -0.45 7.67
CA SER B 13 5.10 -1.12 6.37
C SER B 13 4.31 -0.42 5.23
N ALA B 14 3.16 0.16 5.51
CA ALA B 14 2.41 0.84 4.45
C ALA B 14 3.18 2.08 3.98
N THR B 15 3.78 2.75 4.94
CA THR B 15 4.65 3.87 4.69
C THR B 15 5.74 3.52 3.70
N ALA B 16 6.49 2.46 4.01
CA ALA B 16 7.53 1.92 3.12
C ALA B 16 6.99 1.50 1.74
N TYR B 17 5.78 0.96 1.74
CA TYR B 17 5.15 0.53 0.50
C TYR B 17 4.81 1.76 -0.31
N ALA B 18 4.44 2.82 0.38
CA ALA B 18 3.98 4.02 -0.31
C ALA B 18 5.18 4.78 -0.83
N LEU B 19 6.23 4.84 -0.02
CA LEU B 19 7.52 5.37 -0.45
C LEU B 19 7.98 4.64 -1.72
N ALA B 20 7.98 3.31 -1.67
CA ALA B 20 8.41 2.51 -2.82
C ALA B 20 7.56 2.78 -4.05
N LEU B 21 6.25 2.67 -3.92
CA LEU B 21 5.40 2.86 -5.09
C LEU B 21 5.44 4.27 -5.70
N LEU B 22 5.71 5.28 -4.87
CA LEU B 22 5.73 6.66 -5.36
C LEU B 22 7.15 7.06 -5.79
N GLY B 23 8.12 6.21 -5.48
CA GLY B 23 9.51 6.44 -5.85
C GLY B 23 10.12 7.62 -5.12
N VAL B 24 9.78 7.75 -3.85
CA VAL B 24 10.24 8.89 -3.07
C VAL B 24 11.71 8.82 -2.71
N ALA B 25 12.17 7.64 -2.31
CA ALA B 25 13.58 7.43 -1.98
C ALA B 25 14.16 6.23 -2.70
N ARG B 26 15.49 6.20 -2.80
CA ARG B 26 16.20 5.11 -3.46
C ARG B 26 16.39 3.92 -2.50
N GLU B 27 16.45 4.21 -1.21
CA GLU B 27 16.68 3.17 -0.24
C GLU B 27 15.74 3.39 0.95
N VAL B 28 15.06 2.33 1.37
CA VAL B 28 14.21 2.37 2.57
C VAL B 28 14.63 1.22 3.49
N VAL B 29 15.13 1.53 4.70
CA VAL B 29 15.52 0.50 5.66
C VAL B 29 14.46 0.24 6.72
N LEU B 30 14.04 -1.01 6.85
CA LEU B 30 13.04 -1.41 7.83
C LEU B 30 13.65 -2.01 9.09
N VAL B 31 13.28 -1.45 10.24
CA VAL B 31 13.76 -1.94 11.54
C VAL B 31 12.58 -2.27 12.45
N ASP B 32 12.59 -3.48 13.00
CA ASP B 32 11.55 -3.93 13.94
C ASP B 32 12.10 -4.86 15.03
N LEU B 33 11.47 -4.82 16.21
CA LEU B 33 11.81 -5.71 17.31
C LEU B 33 11.61 -7.16 16.88
N ASP B 34 10.59 -7.36 16.05
CA ASP B 34 10.39 -8.64 15.39
C ASP B 34 11.15 -8.63 14.07
N ARG B 35 12.32 -9.25 14.04
CA ARG B 35 13.24 -9.16 12.89
C ARG B 35 12.72 -9.87 11.64
N LYS B 36 12.03 -10.99 11.81
CA LYS B 36 11.52 -11.75 10.68
C LYS B 36 10.27 -11.09 10.09
N LEU B 37 9.60 -10.28 10.89
CA LEU B 37 8.47 -9.51 10.40
C LEU B 37 8.99 -8.43 9.44
N ALA B 38 9.89 -7.60 9.94
CA ALA B 38 10.54 -6.60 9.12
C ALA B 38 11.08 -7.22 7.83
N GLN B 39 11.81 -8.33 7.94
CA GLN B 39 12.34 -9.00 6.76
C GLN B 39 11.25 -9.44 5.80
N ALA B 40 10.13 -9.89 6.34
CA ALA B 40 9.02 -10.36 5.51
C ALA B 40 8.36 -9.20 4.77
N HIS B 41 8.11 -8.10 5.49
CA HIS B 41 7.54 -6.92 4.87
C HIS B 41 8.48 -6.39 3.81
N ALA B 42 9.78 -6.42 4.08
CA ALA B 42 10.78 -5.91 3.14
C ALA B 42 10.76 -6.69 1.83
N GLU B 43 10.73 -8.01 1.96
CA GLU B 43 10.70 -8.84 0.77
C GLU B 43 9.34 -8.73 0.05
N ASP B 44 8.26 -8.60 0.80
CA ASP B 44 6.94 -8.48 0.20
C ASP B 44 6.91 -7.22 -0.67
N ILE B 45 7.46 -6.14 -0.13
CA ILE B 45 7.51 -4.87 -0.81
C ILE B 45 8.48 -4.93 -1.99
N LEU B 46 9.63 -5.56 -1.79
CA LEU B 46 10.61 -5.64 -2.86
C LEU B 46 9.99 -6.33 -4.09
N HIS B 47 9.06 -7.25 -3.84
CA HIS B 47 8.32 -7.94 -4.90
C HIS B 47 7.52 -6.98 -5.78
N ALA B 48 7.18 -5.82 -5.23
CA ALA B 48 6.30 -4.89 -5.94
C ALA B 48 7.11 -3.91 -6.75
N THR B 49 8.38 -3.72 -6.38
CA THR B 49 9.15 -2.64 -6.98
C THR B 49 9.31 -2.75 -8.50
N PRO B 50 9.35 -3.97 -9.06
CA PRO B 50 9.49 -3.97 -10.52
C PRO B 50 8.28 -3.35 -11.20
N PHE B 51 7.17 -3.28 -10.49
CA PHE B 51 5.94 -2.74 -11.08
C PHE B 51 5.76 -1.27 -10.77
N ALA B 52 6.85 -0.58 -10.46
CA ALA B 52 6.77 0.82 -10.07
C ALA B 52 8.08 1.55 -10.26
N HIS B 53 8.88 1.61 -9.19
CA HIS B 53 10.19 2.28 -9.21
C HIS B 53 11.31 1.41 -8.64
N PRO B 54 12.52 1.55 -9.21
CA PRO B 54 13.69 0.91 -8.61
C PRO B 54 13.89 1.46 -7.20
N VAL B 55 13.41 0.73 -6.20
CA VAL B 55 13.66 1.09 -4.81
C VAL B 55 14.17 -0.10 -4.02
N TRP B 56 15.28 0.09 -3.33
CA TRP B 56 15.91 -0.96 -2.54
C TRP B 56 15.34 -0.96 -1.11
N VAL B 57 14.42 -1.89 -0.85
CA VAL B 57 13.82 -2.09 0.46
C VAL B 57 14.48 -3.29 1.12
N TRP B 58 14.94 -3.12 2.35
CA TRP B 58 15.54 -4.20 3.13
C TRP B 58 15.32 -3.96 4.61
N ALA B 59 15.50 -5.00 5.40
CA ALA B 59 15.31 -4.94 6.84
C ALA B 59 16.66 -5.08 7.52
N GLY B 60 16.88 -4.31 8.58
CA GLY B 60 18.10 -4.41 9.37
C GLY B 60 17.96 -3.89 10.78
N SER B 61 19.11 -3.65 11.41
CA SER B 61 19.17 -3.18 12.79
C SER B 61 19.32 -1.66 12.84
N TYR B 62 19.45 -1.13 14.04
CA TYR B 62 19.53 0.32 14.21
C TYR B 62 20.72 0.93 13.52
N GLY B 63 21.80 0.17 13.39
CA GLY B 63 23.01 0.66 12.76
C GLY B 63 22.82 0.86 11.26
N ASP B 64 21.97 0.02 10.68
CA ASP B 64 21.69 0.09 9.26
C ASP B 64 20.96 1.39 8.92
N LEU B 65 20.69 2.18 9.95
CA LEU B 65 20.06 3.47 9.79
C LEU B 65 21.06 4.57 9.41
N GLU B 66 22.34 4.31 9.62
CA GLU B 66 23.36 5.32 9.34
C GLU B 66 23.11 5.99 7.99
N GLY B 67 23.19 7.31 7.98
CA GLY B 67 23.06 8.06 6.75
C GLY B 67 21.63 8.30 6.28
N ALA B 68 20.65 7.85 7.05
CA ALA B 68 19.26 8.05 6.66
C ALA B 68 18.99 9.53 6.80
N ARG B 69 18.34 10.12 5.82
CA ARG B 69 18.00 11.54 5.88
C ARG B 69 16.79 11.79 6.79
N ALA B 70 15.88 10.82 6.83
CA ALA B 70 14.72 10.92 7.70
C ALA B 70 14.43 9.55 8.31
N VAL B 71 13.94 9.55 9.53
CA VAL B 71 13.55 8.29 10.14
C VAL B 71 12.10 8.34 10.60
N VAL B 72 11.30 7.39 10.14
CA VAL B 72 9.92 7.34 10.55
C VAL B 72 9.87 6.51 11.82
N LEU B 73 9.36 7.12 12.87
CA LEU B 73 9.13 6.44 14.13
C LEU B 73 7.68 5.92 14.19
N ALA B 74 7.48 4.64 13.88
CA ALA B 74 6.15 4.00 13.87
C ALA B 74 6.06 2.79 14.81
N ALA B 75 6.99 2.68 15.75
CA ALA B 75 6.99 1.57 16.70
C ALA B 75 5.97 1.81 17.80
N GLY B 76 5.36 0.74 18.30
CA GLY B 76 4.33 0.84 19.32
C GLY B 76 3.83 -0.52 19.78
N VAL B 77 2.91 -0.55 20.75
CA VAL B 77 2.39 -1.82 21.27
C VAL B 77 1.05 -2.19 20.64
N ALA B 78 0.71 -3.48 20.67
CA ALA B 78 -0.63 -3.91 20.30
C ALA B 78 -1.64 -3.28 21.23
N GLN B 79 -2.73 -2.77 20.66
CA GLN B 79 -3.84 -2.22 21.44
C GLN B 79 -4.47 -3.33 22.29
N ARG B 80 -5.10 -2.91 23.39
CA ARG B 80 -5.79 -3.85 24.25
C ARG B 80 -7.23 -3.38 24.40
N PRO B 81 -8.18 -4.20 23.91
CA PRO B 81 -9.60 -3.87 24.06
C PRO B 81 -9.97 -3.59 25.51
N GLY B 82 -10.26 -2.33 25.79
CA GLY B 82 -10.74 -1.90 27.09
C GLY B 82 -9.80 -0.90 27.73
N GLU B 83 -8.55 -0.88 27.27
CA GLU B 83 -7.54 -0.05 27.90
C GLU B 83 -7.82 1.41 27.57
N THR B 84 -7.44 2.28 28.48
CA THR B 84 -7.64 3.69 28.28
C THR B 84 -6.53 4.30 27.46
N ARG B 85 -6.96 5.30 26.70
CA ARG B 85 -6.13 6.38 26.20
C ARG B 85 -4.80 6.53 26.93
N LEU B 86 -4.85 6.68 28.24
CA LEU B 86 -3.67 6.99 29.03
C LEU B 86 -2.80 5.75 29.27
N GLN B 87 -3.43 4.58 29.25
CA GLN B 87 -2.74 3.31 29.49
C GLN B 87 -1.86 2.98 28.29
N LEU B 88 -2.45 3.13 27.10
CA LEU B 88 -1.77 2.88 25.84
C LEU B 88 -0.61 3.85 25.69
N LEU B 89 -0.86 5.10 26.08
CA LEU B 89 0.14 6.14 26.02
C LEU B 89 1.35 5.79 26.86
N ASP B 90 1.09 5.35 28.09
CA ASP B 90 2.15 4.96 29.00
C ASP B 90 3.01 3.85 28.35
N ARG B 91 2.37 2.93 27.64
CA ARG B 91 3.10 1.83 27.02
C ARG B 91 3.98 2.27 25.83
N ASN B 92 3.43 3.09 24.95
CA ASN B 92 4.20 3.58 23.79
C ASN B 92 5.31 4.55 24.18
N ALA B 93 5.07 5.32 25.24
CA ALA B 93 6.08 6.20 25.79
C ALA B 93 7.26 5.34 26.18
N GLN B 94 6.93 4.25 26.86
CA GLN B 94 7.93 3.26 27.23
C GLN B 94 8.73 2.76 26.04
N VAL B 95 8.05 2.61 24.91
CA VAL B 95 8.68 2.16 23.68
C VAL B 95 9.64 3.21 23.11
N PHE B 96 9.18 4.43 23.00
CA PHE B 96 10.04 5.50 22.49
C PHE B 96 11.26 5.69 23.41
N ALA B 97 11.11 5.40 24.70
CA ALA B 97 12.25 5.54 25.62
C ALA B 97 13.39 4.60 25.24
N GLN B 98 13.06 3.52 24.53
CA GLN B 98 14.05 2.57 24.03
C GLN B 98 14.51 2.94 22.62
N VAL B 99 13.55 3.19 21.74
CA VAL B 99 13.79 3.48 20.33
C VAL B 99 14.59 4.77 20.08
N VAL B 100 14.15 5.88 20.69
CA VAL B 100 14.70 7.19 20.36
C VAL B 100 16.24 7.27 20.49
N PRO B 101 16.78 6.93 21.67
CA PRO B 101 18.24 6.94 21.88
C PRO B 101 18.98 6.12 20.82
N ARG B 102 18.39 5.00 20.42
CA ARG B 102 19.02 4.09 19.47
C ARG B 102 19.09 4.70 18.07
N VAL B 103 18.06 5.47 17.72
CA VAL B 103 18.03 6.11 16.42
C VAL B 103 19.10 7.22 16.36
N LEU B 104 19.06 8.10 17.35
CA LEU B 104 20.00 9.22 17.39
C LEU B 104 21.48 8.80 17.46
N GLU B 105 21.78 7.64 18.03
CA GLU B 105 23.14 7.12 18.01
C GLU B 105 23.57 6.78 16.59
N ALA B 106 22.62 6.27 15.80
CA ALA B 106 22.91 5.73 14.48
C ALA B 106 22.75 6.78 13.38
N ALA B 107 21.80 7.68 13.54
CA ALA B 107 21.58 8.70 12.54
C ALA B 107 21.22 9.99 13.24
N PRO B 108 22.22 10.64 13.87
CA PRO B 108 21.97 11.80 14.71
C PRO B 108 21.42 12.94 13.89
N GLU B 109 21.73 12.93 12.60
CA GLU B 109 21.39 14.06 11.76
C GLU B 109 20.08 13.87 11.00
N ALA B 110 19.38 12.75 11.26
CA ALA B 110 18.09 12.49 10.62
C ALA B 110 16.96 13.31 11.22
N VAL B 111 16.11 13.85 10.37
CA VAL B 111 14.83 14.38 10.80
C VAL B 111 13.98 13.23 11.34
N LEU B 112 13.50 13.33 12.58
CA LEU B 112 12.60 12.32 13.12
C LEU B 112 11.15 12.64 12.74
N LEU B 113 10.49 11.68 12.10
CA LEU B 113 9.11 11.85 11.68
C LEU B 113 8.23 10.88 12.48
N VAL B 114 7.47 11.41 13.45
CA VAL B 114 6.68 10.61 14.39
C VAL B 114 5.27 10.24 13.84
N ALA B 115 4.87 8.99 14.03
CA ALA B 115 3.64 8.47 13.44
C ALA B 115 2.77 7.76 14.46
N THR B 116 3.42 7.17 15.46
CA THR B 116 2.76 6.35 16.48
C THR B 116 1.71 7.10 17.29
N ASN B 117 0.51 6.52 17.41
CA ASN B 117 -0.58 7.16 18.15
C ASN B 117 -0.38 7.08 19.66
N PRO B 118 -0.86 8.10 20.39
CA PRO B 118 -1.38 9.40 19.97
C PRO B 118 -0.23 10.25 19.49
N VAL B 119 -0.29 10.73 18.26
CA VAL B 119 0.91 11.26 17.62
C VAL B 119 1.42 12.57 18.27
N ASP B 120 0.53 13.34 18.88
CA ASP B 120 0.91 14.62 19.45
C ASP B 120 1.75 14.44 20.71
N VAL B 121 1.27 13.63 21.64
CA VAL B 121 2.07 13.28 22.81
C VAL B 121 3.32 12.47 22.45
N MET B 122 3.23 11.56 21.49
CA MET B 122 4.45 10.80 21.12
C MET B 122 5.53 11.73 20.53
N THR B 123 5.10 12.70 19.71
CA THR B 123 6.01 13.73 19.19
C THR B 123 6.66 14.47 20.36
N GLN B 124 5.86 14.74 21.39
CA GLN B 124 6.38 15.43 22.58
C GLN B 124 7.45 14.61 23.28
N VAL B 125 7.27 13.29 23.42
CA VAL B 125 8.33 12.53 24.08
C VAL B 125 9.55 12.32 23.18
N ALA B 126 9.33 12.08 21.89
CA ALA B 126 10.44 11.96 20.96
C ALA B 126 11.31 13.21 21.05
N TYR B 127 10.68 14.38 21.08
CA TYR B 127 11.39 15.65 21.14
C TYR B 127 12.21 15.78 22.43
N ALA B 128 11.57 15.56 23.58
CA ALA B 128 12.25 15.69 24.88
C ALA B 128 13.41 14.71 25.03
N LEU B 129 13.20 13.47 24.60
CA LEU B 129 14.23 12.44 24.66
C LEU B 129 15.38 12.68 23.68
N SER B 130 15.08 13.28 22.52
CA SER B 130 16.07 13.47 21.46
C SER B 130 17.13 14.52 21.76
N GLY B 131 16.76 15.55 22.51
CA GLY B 131 17.68 16.65 22.76
C GLY B 131 17.96 17.38 21.45
N LEU B 132 17.13 17.14 20.44
CA LEU B 132 17.25 17.84 19.16
C LEU B 132 16.58 19.21 19.23
N PRO B 133 17.06 20.16 18.41
CA PRO B 133 16.30 21.41 18.17
C PRO B 133 14.86 21.06 17.74
N PRO B 134 13.89 21.93 18.06
CA PRO B 134 12.43 21.71 17.98
C PRO B 134 11.87 21.35 16.59
N GLY B 135 12.49 21.88 15.54
CA GLY B 135 12.03 21.64 14.18
C GLY B 135 12.48 20.32 13.58
N ARG B 136 13.32 19.58 14.29
CA ARG B 136 13.89 18.36 13.71
C ARG B 136 13.10 17.12 14.14
N VAL B 137 12.04 17.34 14.90
CA VAL B 137 11.16 16.27 15.33
C VAL B 137 9.73 16.68 14.97
N VAL B 138 9.09 15.91 14.09
CA VAL B 138 7.82 16.35 13.53
C VAL B 138 6.86 15.19 13.49
N GLY B 139 5.66 15.38 14.01
CA GLY B 139 4.66 14.32 13.96
C GLY B 139 3.72 14.53 12.78
N SER B 140 3.19 13.43 12.27
CA SER B 140 2.30 13.50 11.11
C SER B 140 1.07 14.31 11.48
N GLY B 141 0.64 14.15 12.71
CA GLY B 141 -0.44 14.96 13.23
C GLY B 141 -1.72 14.92 12.43
N THR B 142 -2.09 16.07 11.95
CA THR B 142 -3.44 16.37 11.53
C THR B 142 -3.55 16.42 9.99
N ILE B 143 -2.45 16.13 9.31
CA ILE B 143 -2.39 16.24 7.84
C ILE B 143 -3.50 15.54 7.05
N LEU B 144 -3.82 14.32 7.44
CA LEU B 144 -4.89 13.56 6.79
C LEU B 144 -6.26 14.25 6.99
N ASP B 145 -6.50 14.80 8.17
CA ASP B 145 -7.75 15.48 8.45
C ASP B 145 -7.84 16.83 7.73
N THR B 146 -6.72 17.53 7.64
CA THR B 146 -6.67 18.75 6.83
C THR B 146 -7.05 18.47 5.37
N ALA B 147 -6.48 17.39 4.81
CA ALA B 147 -6.69 17.01 3.42
C ALA B 147 -8.13 16.54 3.17
N ARG B 148 -8.66 15.75 4.10
CA ARG B 148 -10.08 15.35 3.97
C ARG B 148 -11.00 16.58 4.06
N PHE B 149 -10.63 17.55 4.90
CA PHE B 149 -11.44 18.77 5.05
C PHE B 149 -11.50 19.53 3.73
N ARG B 150 -10.35 19.69 3.08
CA ARG B 150 -10.31 20.31 1.76
C ARG B 150 -11.10 19.53 0.70
N ALA B 151 -11.05 18.20 0.77
CA ALA B 151 -11.73 17.39 -0.24
C ALA B 151 -13.24 17.50 -0.15
N LEU B 152 -13.76 17.46 1.07
CA LEU B 152 -15.21 17.58 1.24
C LEU B 152 -15.70 18.98 0.87
N LEU B 153 -14.91 20.00 1.15
CA LEU B 153 -15.35 21.34 0.79
C LEU B 153 -15.28 21.54 -0.72
N ALA B 154 -14.31 20.90 -1.35
CA ALA B 154 -14.15 21.00 -2.79
C ALA B 154 -15.29 20.28 -3.49
N GLU B 155 -15.70 19.14 -2.94
CA GLU B 155 -16.84 18.39 -3.48
C GLU B 155 -18.10 19.24 -3.39
N TYR B 156 -18.34 19.84 -2.24
CA TYR B 156 -19.52 20.67 -2.02
C TYR B 156 -19.55 21.84 -2.99
N LEU B 157 -18.40 22.47 -3.19
CA LEU B 157 -18.34 23.66 -4.02
C LEU B 157 -18.14 23.32 -5.50
N ARG B 158 -17.83 22.05 -5.77
CA ARG B 158 -17.57 21.59 -7.14
C ARG B 158 -16.32 22.24 -7.74
N VAL B 159 -15.22 22.18 -7.02
CA VAL B 159 -13.97 22.73 -7.53
C VAL B 159 -12.89 21.74 -7.21
N ALA B 160 -11.71 21.93 -7.78
CA ALA B 160 -10.64 20.98 -7.50
C ALA B 160 -10.21 21.20 -6.07
N PRO B 161 -9.78 20.12 -5.40
CA PRO B 161 -9.26 20.21 -4.03
C PRO B 161 -8.08 21.18 -3.90
N GLN B 162 -7.22 21.28 -4.92
CA GLN B 162 -6.05 22.15 -4.86
CA GLN B 162 -6.05 22.14 -4.83
C GLN B 162 -6.45 23.60 -4.69
N SER B 163 -7.68 23.91 -5.09
CA SER B 163 -8.22 25.27 -5.01
C SER B 163 -8.61 25.67 -3.61
N VAL B 164 -8.68 24.70 -2.71
CA VAL B 164 -9.26 24.92 -1.40
C VAL B 164 -8.18 25.01 -0.34
N HIS B 165 -8.19 26.12 0.40
CA HIS B 165 -7.25 26.28 1.49
C HIS B 165 -8.00 26.23 2.80
N ALA B 166 -7.76 25.19 3.58
CA ALA B 166 -8.35 25.07 4.90
C ALA B 166 -7.49 24.13 5.73
N TYR B 167 -7.57 24.29 7.04
CA TYR B 167 -6.73 23.55 7.97
C TYR B 167 -7.57 22.89 9.05
N VAL B 168 -7.09 21.75 9.53
CA VAL B 168 -7.57 21.23 10.80
C VAL B 168 -6.37 21.39 11.70
N LEU B 169 -6.56 21.96 12.89
CA LEU B 169 -5.42 22.19 13.78
C LEU B 169 -5.54 21.51 15.14
N GLY B 170 -4.43 21.47 15.87
CA GLY B 170 -4.45 20.98 17.24
C GLY B 170 -4.24 19.49 17.39
N GLU B 171 -5.08 18.86 18.21
CA GLU B 171 -4.90 17.43 18.48
C GLU B 171 -5.40 16.58 17.33
N HIS B 172 -4.59 15.60 16.92
CA HIS B 172 -5.05 14.61 15.95
C HIS B 172 -6.08 13.71 16.63
N GLY B 173 -7.32 14.13 16.61
CA GLY B 173 -8.31 13.41 17.39
C GLY B 173 -9.53 14.25 17.66
N ASP B 174 -10.28 13.87 18.69
CA ASP B 174 -11.61 14.41 18.93
C ASP B 174 -11.70 15.93 19.06
N SER B 175 -10.70 16.54 19.69
CA SER B 175 -10.72 17.97 19.95
C SER B 175 -10.19 18.81 18.79
N GLU B 176 -9.77 18.18 17.70
CA GLU B 176 -9.15 18.94 16.61
C GLU B 176 -10.10 20.04 16.13
N VAL B 177 -9.51 21.11 15.63
CA VAL B 177 -10.28 22.28 15.23
C VAL B 177 -10.33 22.50 13.74
N LEU B 178 -11.49 22.34 13.14
CA LEU B 178 -11.67 22.77 11.76
C LEU B 178 -11.75 24.29 11.68
N VAL B 179 -10.86 24.90 10.91
CA VAL B 179 -10.88 26.37 10.81
C VAL B 179 -11.76 26.89 9.68
N TRP B 180 -13.07 26.93 9.92
CA TRP B 180 -14.05 27.44 8.98
C TRP B 180 -13.86 28.94 8.70
N SER B 181 -13.58 29.70 9.76
CA SER B 181 -13.67 31.14 9.72
C SER B 181 -12.83 31.76 8.61
N SER B 182 -11.59 31.30 8.46
CA SER B 182 -10.67 31.91 7.50
C SER B 182 -10.33 30.99 6.33
N ALA B 183 -11.21 30.03 6.06
CA ALA B 183 -10.97 29.12 4.96
C ALA B 183 -11.14 29.88 3.64
N GLN B 184 -10.27 29.59 2.68
CA GLN B 184 -10.22 30.29 1.42
C GLN B 184 -10.52 29.32 0.30
N VAL B 185 -11.03 29.83 -0.82
CA VAL B 185 -11.10 29.02 -2.01
C VAL B 185 -10.72 29.83 -3.22
N GLY B 186 -9.64 29.40 -3.89
CA GLY B 186 -9.08 30.16 -4.98
C GLY B 186 -8.70 31.55 -4.52
N GLY B 187 -8.27 31.66 -3.26
CA GLY B 187 -7.85 32.93 -2.70
C GLY B 187 -8.93 33.84 -2.12
N VAL B 188 -10.16 33.36 -2.05
CA VAL B 188 -11.24 34.19 -1.50
C VAL B 188 -11.97 33.50 -0.38
N PRO B 189 -12.59 34.29 0.54
CA PRO B 189 -13.26 33.73 1.71
C PRO B 189 -14.29 32.70 1.28
N LEU B 190 -14.17 31.50 1.84
CA LEU B 190 -15.02 30.36 1.48
C LEU B 190 -16.50 30.68 1.53
N LEU B 191 -16.95 31.27 2.63
CA LEU B 191 -18.35 31.59 2.77
C LEU B 191 -18.79 32.48 1.61
N GLU B 192 -18.00 33.52 1.36
CA GLU B 192 -18.26 34.44 0.27
CA GLU B 192 -18.29 34.43 0.27
C GLU B 192 -18.37 33.70 -1.06
N PHE B 193 -17.35 32.90 -1.34
CA PHE B 193 -17.29 32.15 -2.59
C PHE B 193 -18.41 31.10 -2.72
N ALA B 194 -18.80 30.52 -1.60
CA ALA B 194 -19.87 29.52 -1.59
C ALA B 194 -21.16 30.19 -1.99
N GLU B 195 -21.39 31.37 -1.42
CA GLU B 195 -22.59 32.14 -1.69
C GLU B 195 -22.59 32.64 -3.14
N ALA B 196 -21.41 32.98 -3.66
CA ALA B 196 -21.25 33.44 -5.04
C ALA B 196 -21.57 32.33 -6.05
N ARG B 197 -21.21 31.10 -5.69
CA ARG B 197 -21.57 29.94 -6.49
C ARG B 197 -23.02 29.54 -6.20
N GLY B 198 -23.69 30.36 -5.40
CA GLY B 198 -25.09 30.13 -5.03
C GLY B 198 -25.32 28.90 -4.16
N ARG B 199 -24.62 28.80 -3.04
CA ARG B 199 -24.67 27.62 -2.17
C ARG B 199 -24.13 27.89 -0.77
N ALA B 200 -24.75 28.78 -0.01
CA ALA B 200 -24.25 29.05 1.33
C ALA B 200 -24.26 27.79 2.20
N LEU B 201 -23.20 27.61 3.00
CA LEU B 201 -23.07 26.45 3.88
C LEU B 201 -24.08 26.44 5.02
N SER B 202 -25.09 25.59 4.90
CA SER B 202 -26.06 25.41 5.98
C SER B 202 -25.39 24.81 7.21
N PRO B 203 -25.95 25.07 8.39
CA PRO B 203 -25.41 24.46 9.62
C PRO B 203 -25.32 22.96 9.45
N GLU B 204 -26.25 22.40 8.68
CA GLU B 204 -26.31 20.97 8.42
C GLU B 204 -25.16 20.56 7.50
N ASP B 205 -24.86 21.41 6.52
CA ASP B 205 -23.69 21.19 5.66
C ASP B 205 -22.44 21.17 6.51
N ARG B 206 -22.22 22.25 7.25
CA ARG B 206 -21.09 22.32 8.18
C ARG B 206 -21.05 21.09 9.08
N ALA B 207 -22.22 20.69 9.55
CA ALA B 207 -22.33 19.58 10.48
C ALA B 207 -21.93 18.24 9.85
N ARG B 208 -22.39 18.01 8.63
CA ARG B 208 -22.09 16.77 7.94
C ARG B 208 -20.60 16.68 7.61
N ILE B 209 -20.01 17.82 7.24
CA ILE B 209 -18.61 17.85 6.87
C ILE B 209 -17.69 17.63 8.08
N ASP B 210 -17.97 18.31 9.18
CA ASP B 210 -17.22 18.11 10.41
C ASP B 210 -17.18 16.62 10.71
N GLU B 211 -18.35 15.99 10.67
CA GLU B 211 -18.47 14.57 10.94
C GLU B 211 -17.58 13.79 10.00
N GLY B 212 -17.69 14.10 8.70
CA GLY B 212 -16.91 13.42 7.69
C GLY B 212 -15.44 13.42 8.03
N VAL B 213 -14.96 14.56 8.54
CA VAL B 213 -13.56 14.73 8.84
C VAL B 213 -13.16 14.09 10.18
N ARG B 214 -13.82 14.53 11.25
CA ARG B 214 -13.44 14.26 12.64
C ARG B 214 -13.62 12.81 13.04
N ARG B 215 -14.56 12.14 12.40
CA ARG B 215 -14.90 10.78 12.79
C ARG B 215 -14.49 9.74 11.75
N ALA B 216 -13.64 10.15 10.81
CA ALA B 216 -13.08 9.23 9.81
C ALA B 216 -12.27 8.12 10.46
N ALA B 217 -11.28 8.50 11.27
CA ALA B 217 -10.42 7.50 11.88
C ALA B 217 -11.25 6.52 12.71
N TYR B 218 -12.26 7.05 13.41
CA TYR B 218 -13.11 6.22 14.23
C TYR B 218 -13.75 5.09 13.40
N ARG B 219 -14.39 5.44 12.28
CA ARG B 219 -15.00 4.46 11.41
C ARG B 219 -14.01 3.41 10.86
N ILE B 220 -12.84 3.85 10.43
CA ILE B 220 -11.84 2.93 9.92
C ILE B 220 -11.44 1.91 10.98
N ILE B 221 -11.32 2.38 12.20
CA ILE B 221 -10.90 1.52 13.31
C ILE B 221 -11.98 0.52 13.66
N GLU B 222 -13.23 0.98 13.74
CA GLU B 222 -14.36 0.07 13.99
C GLU B 222 -14.47 -1.00 12.91
N GLY B 223 -14.22 -0.61 11.66
CA GLY B 223 -14.41 -1.51 10.55
C GLY B 223 -13.29 -2.49 10.28
N LYS B 224 -12.05 -2.10 10.59
CA LYS B 224 -10.94 -2.99 10.27
C LYS B 224 -9.84 -3.05 11.32
N GLY B 225 -10.01 -2.30 12.41
CA GLY B 225 -9.17 -2.44 13.58
C GLY B 225 -8.01 -1.45 13.71
N ALA B 226 -7.61 -0.83 12.60
CA ALA B 226 -6.58 0.20 12.69
C ALA B 226 -6.49 0.97 11.39
N THR B 227 -5.82 2.12 11.42
CA THR B 227 -5.59 2.92 10.24
C THR B 227 -4.14 2.74 9.82
N TYR B 228 -3.86 2.81 8.54
CA TYR B 228 -2.47 2.74 8.08
C TYR B 228 -2.30 3.15 6.64
N TYR B 229 -3.24 2.74 5.78
CA TYR B 229 -3.16 3.11 4.35
C TYR B 229 -3.06 4.64 4.18
N GLY B 230 -3.94 5.38 4.86
CA GLY B 230 -3.92 6.83 4.82
C GLY B 230 -2.62 7.44 5.29
N ILE B 231 -2.27 7.21 6.54
CA ILE B 231 -1.05 7.78 7.08
C ILE B 231 0.21 7.37 6.32
N GLY B 232 0.22 6.18 5.74
CA GLY B 232 1.38 5.75 4.99
C GLY B 232 1.67 6.73 3.86
N ALA B 233 0.62 7.20 3.17
CA ALA B 233 0.84 8.05 2.02
C ALA B 233 1.09 9.48 2.49
N GLY B 234 0.44 9.87 3.57
CA GLY B 234 0.68 11.20 4.14
C GLY B 234 2.12 11.27 4.60
N LEU B 235 2.57 10.25 5.31
CA LEU B 235 3.95 10.22 5.77
C LEU B 235 4.92 10.25 4.58
N ALA B 236 4.61 9.52 3.51
CA ALA B 236 5.48 9.52 2.33
C ALA B 236 5.58 10.92 1.72
N ARG B 237 4.49 11.67 1.78
CA ARG B 237 4.52 13.03 1.29
C ARG B 237 5.46 13.91 2.14
N LEU B 238 5.41 13.71 3.45
CA LEU B 238 6.23 14.47 4.39
C LEU B 238 7.71 14.19 4.17
N VAL B 239 8.03 12.91 4.03
CA VAL B 239 9.39 12.49 3.69
C VAL B 239 9.83 13.18 2.41
N ARG B 240 8.98 13.15 1.41
CA ARG B 240 9.30 13.79 0.14
C ARG B 240 9.63 15.28 0.37
N ALA B 241 8.73 15.97 1.05
CA ALA B 241 8.96 17.36 1.45
C ALA B 241 10.37 17.56 2.03
N ILE B 242 10.78 16.66 2.92
CA ILE B 242 12.08 16.77 3.57
C ILE B 242 13.22 16.45 2.62
N LEU B 243 13.08 15.40 1.81
CA LEU B 243 14.16 15.01 0.93
C LEU B 243 14.44 16.08 -0.11
N THR B 244 13.39 16.75 -0.57
CA THR B 244 13.49 17.71 -1.66
C THR B 244 13.60 19.15 -1.17
N ASP B 245 13.55 19.32 0.16
CA ASP B 245 13.64 20.63 0.79
C ASP B 245 12.59 21.54 0.18
N GLU B 246 11.34 21.10 0.31
CA GLU B 246 10.21 21.66 -0.41
C GLU B 246 9.84 23.00 0.16
N LYS B 247 9.95 23.14 1.48
CA LYS B 247 9.43 24.31 2.15
C LYS B 247 7.94 24.45 1.90
N GLY B 248 7.24 23.31 1.87
CA GLY B 248 5.79 23.26 1.76
C GLY B 248 5.09 23.47 3.11
N VAL B 249 3.83 23.90 3.05
CA VAL B 249 3.02 24.13 4.26
C VAL B 249 2.14 22.94 4.63
N TYR B 250 2.36 22.37 5.81
CA TYR B 250 1.65 21.16 6.25
C TYR B 250 1.21 21.32 7.71
N THR B 251 -0.02 20.89 7.99
CA THR B 251 -0.48 20.87 9.38
C THR B 251 0.11 19.67 10.11
N VAL B 252 1.36 19.80 10.52
CA VAL B 252 2.04 18.72 11.25
C VAL B 252 2.33 19.12 12.69
N SER B 253 2.57 18.12 13.53
CA SER B 253 2.72 18.33 14.97
C SER B 253 4.17 18.64 15.35
N ALA B 254 4.37 19.62 16.22
CA ALA B 254 5.71 19.93 16.71
C ALA B 254 5.67 20.71 17.99
N PHE B 255 6.79 20.70 18.71
CA PHE B 255 6.85 21.40 19.98
C PHE B 255 6.62 22.89 19.73
N THR B 256 5.69 23.48 20.44
CA THR B 256 5.48 24.92 20.28
C THR B 256 5.47 25.67 21.61
N PRO B 257 6.26 26.75 21.70
CA PRO B 257 6.46 27.54 22.92
C PRO B 257 5.15 27.99 23.55
N GLU B 258 4.31 28.68 22.80
CA GLU B 258 2.99 29.06 23.30
C GLU B 258 1.95 29.03 22.19
N VAL B 259 0.71 28.74 22.58
CA VAL B 259 -0.41 28.74 21.65
C VAL B 259 -1.66 28.98 22.48
N ALA B 260 -2.33 30.09 22.20
CA ALA B 260 -3.54 30.47 22.91
C ALA B 260 -3.36 30.42 24.43
N GLY B 261 -2.14 30.72 24.89
CA GLY B 261 -1.83 30.77 26.31
C GLY B 261 -1.26 29.48 26.88
N VAL B 262 -1.46 28.38 26.18
CA VAL B 262 -0.94 27.11 26.65
C VAL B 262 0.53 27.08 26.28
N LEU B 263 1.36 26.66 27.23
CA LEU B 263 2.81 26.72 27.03
C LEU B 263 3.44 25.37 26.76
N GLU B 264 4.46 25.37 25.91
CA GLU B 264 5.31 24.21 25.68
C GLU B 264 4.58 22.87 25.48
N VAL B 265 3.96 22.75 24.32
CA VAL B 265 3.14 21.59 24.00
C VAL B 265 3.22 21.32 22.50
N SER B 266 3.07 20.05 22.14
CA SER B 266 3.16 19.65 20.75
C SER B 266 1.78 19.43 20.16
N LEU B 267 1.49 20.16 19.09
CA LEU B 267 0.27 19.97 18.31
C LEU B 267 0.43 20.44 16.87
N SER B 268 -0.55 20.16 16.03
CA SER B 268 -0.46 20.53 14.62
C SER B 268 -0.83 21.98 14.42
N LEU B 269 0.07 22.69 13.72
CA LEU B 269 -0.17 24.03 13.20
C LEU B 269 0.37 23.98 11.80
N PRO B 270 -0.06 24.90 10.94
CA PRO B 270 0.52 24.85 9.60
C PRO B 270 1.99 25.23 9.71
N ARG B 271 2.86 24.39 9.15
CA ARG B 271 4.29 24.61 9.28
C ARG B 271 5.01 24.40 7.96
N ILE B 272 6.12 25.10 7.80
CA ILE B 272 6.93 24.99 6.62
C ILE B 272 7.93 23.85 6.80
N LEU B 273 7.82 22.86 5.93
CA LEU B 273 8.58 21.64 6.08
C LEU B 273 9.56 21.48 4.93
N GLY B 274 10.82 21.38 5.27
CA GLY B 274 11.87 21.22 4.30
C GLY B 274 12.99 20.41 4.89
N ALA B 275 14.21 20.67 4.43
CA ALA B 275 15.32 19.75 4.65
C ALA B 275 15.77 19.61 6.11
N GLY B 276 15.54 20.64 6.91
CA GLY B 276 15.88 20.50 8.32
C GLY B 276 14.72 20.07 9.20
N GLY B 277 13.60 19.68 8.58
CA GLY B 277 12.36 19.51 9.32
C GLY B 277 11.54 20.78 9.21
N VAL B 278 10.89 21.19 10.29
CA VAL B 278 10.06 22.38 10.19
C VAL B 278 10.88 23.59 10.55
N ALA B 279 10.57 24.71 9.93
CA ALA B 279 11.36 25.92 10.11
C ALA B 279 10.51 27.12 9.79
N GLY B 280 9.44 27.28 10.56
CA GLY B 280 8.51 28.36 10.31
C GLY B 280 7.08 27.92 10.54
N THR B 281 6.29 28.84 11.06
CA THR B 281 4.93 28.52 11.39
C THR B 281 4.03 29.54 10.74
N VAL B 282 2.87 29.08 10.29
CA VAL B 282 1.88 29.95 9.70
C VAL B 282 0.71 30.10 10.65
N TYR B 283 0.33 31.35 10.94
CA TYR B 283 -0.76 31.63 11.86
C TYR B 283 -2.01 32.12 11.15
N PRO B 284 -2.90 31.18 10.77
CA PRO B 284 -4.20 31.53 10.19
C PRO B 284 -5.05 32.33 11.18
N SER B 285 -6.04 33.05 10.66
CA SER B 285 -6.95 33.82 11.50
C SER B 285 -7.96 32.90 12.16
N LEU B 286 -8.02 32.95 13.48
CA LEU B 286 -8.95 32.12 14.22
C LEU B 286 -10.03 33.02 14.73
N SER B 287 -11.28 32.59 14.57
CA SER B 287 -12.37 33.28 15.22
C SER B 287 -12.23 33.06 16.72
N PRO B 288 -12.90 33.89 17.52
CA PRO B 288 -12.84 33.72 18.97
C PRO B 288 -13.16 32.29 19.40
N GLU B 289 -14.15 31.67 18.76
CA GLU B 289 -14.58 30.31 19.08
C GLU B 289 -13.53 29.27 18.74
N GLU B 290 -12.85 29.47 17.62
CA GLU B 290 -11.81 28.56 17.18
C GLU B 290 -10.59 28.62 18.11
N ARG B 291 -10.23 29.84 18.53
CA ARG B 291 -9.16 30.03 19.51
C ARG B 291 -9.44 29.28 20.81
N ALA B 292 -10.68 29.33 21.28
CA ALA B 292 -11.09 28.62 22.49
C ALA B 292 -11.01 27.10 22.29
N ALA B 293 -11.43 26.65 21.13
CA ALA B 293 -11.35 25.23 20.81
C ALA B 293 -9.88 24.80 20.74
N LEU B 294 -9.03 25.60 20.13
CA LEU B 294 -7.61 25.29 20.05
C LEU B 294 -6.97 25.24 21.44
N ARG B 295 -7.31 26.24 22.26
CA ARG B 295 -6.79 26.38 23.61
C ARG B 295 -7.12 25.12 24.38
N ARG B 296 -8.38 24.71 24.26
CA ARG B 296 -8.89 23.54 24.95
C ARG B 296 -8.11 22.30 24.47
N SER B 297 -7.86 22.25 23.16
CA SER B 297 -7.16 21.12 22.55
C SER B 297 -5.72 21.07 23.09
N ALA B 298 -5.08 22.22 23.18
CA ALA B 298 -3.69 22.27 23.59
C ALA B 298 -3.59 21.85 25.05
N GLU B 299 -4.60 22.21 25.83
CA GLU B 299 -4.61 21.92 27.27
C GLU B 299 -4.74 20.42 27.52
N ILE B 300 -5.55 19.76 26.71
CA ILE B 300 -5.70 18.30 26.77
C ILE B 300 -4.35 17.61 26.53
N LEU B 301 -3.66 18.01 25.46
CA LEU B 301 -2.37 17.43 25.15
C LEU B 301 -1.34 17.74 26.23
N LYS B 302 -1.41 18.94 26.79
CA LYS B 302 -0.40 19.34 27.75
C LYS B 302 -0.51 18.54 29.06
N GLU B 303 -1.75 18.25 29.47
CA GLU B 303 -2.01 17.45 30.68
C GLU B 303 -1.56 16.00 30.49
N ALA B 304 -1.85 15.43 29.34
CA ALA B 304 -1.40 14.07 29.03
C ALA B 304 0.13 13.95 29.14
N ALA B 305 0.84 14.88 28.53
CA ALA B 305 2.30 14.92 28.61
C ALA B 305 2.79 15.03 30.05
N PHE B 306 2.21 15.95 30.80
CA PHE B 306 2.57 16.22 32.19
C PHE B 306 2.44 14.98 33.09
N ALA B 307 1.43 14.16 32.85
CA ALA B 307 1.21 12.95 33.64
C ALA B 307 2.27 11.87 33.36
N LEU B 308 2.91 11.93 32.19
CA LEU B 308 4.02 11.04 31.87
C LEU B 308 5.34 11.65 32.33
N GLY B 309 5.31 12.92 32.70
CA GLY B 309 6.52 13.61 33.11
C GLY B 309 7.17 14.44 32.02
N PHE B 310 6.46 14.67 30.92
CA PHE B 310 6.98 15.51 29.82
C PHE B 310 6.18 16.81 29.64
#